data_4NIM
#
_entry.id   4NIM
#
_cell.length_a   118.210
_cell.length_b   118.210
_cell.length_c   85.180
_cell.angle_alpha   90.000
_cell.angle_beta   90.000
_cell.angle_gamma   90.000
#
_symmetry.space_group_name_H-M   'I 41 2 2'
#
loop_
_entity.id
_entity.type
_entity.pdbx_description
1 polymer 'Versicolorin reductase'
2 non-polymer 1,2-ETHANEDIOL
3 water water
#
_entity_poly.entity_id   1
_entity_poly.type   'polypeptide(L)'
_entity_poly.pdbx_seq_one_letter_code
;MAHHHHHHMGGQLKGKIAVITGSTQGLGAATARLFAERGAQGLVICGRSAEKGRAQAAGLEELGAKAVFVQVDLENVEDC
RRIVAEADRAFGRLDILVNAAGLTDRGTILDTSPELFDRLFAVNTRAPFFLIQEAIKLFRRDRVEGAIVNVSSMSSMGGQ
PFIAAYCASKGALDTLTRNVAYSVLRNRIRVNSLNIGWMASDGEDRIQREYHGAPANWLEEAVKTQPFGRLLDPAKVARA
IAFLASEESGLMTGAIVNFDQSVWGAYDGSPHPEKPL
;
_entity_poly.pdbx_strand_id   A
#
loop_
_chem_comp.id
_chem_comp.type
_chem_comp.name
_chem_comp.formula
EDO non-polymer 1,2-ETHANEDIOL 'C2 H6 O2'
#
# COMPACT_ATOMS: atom_id res chain seq x y z
N GLY A 11 -16.02 -3.77 -14.82
CA GLY A 11 -16.77 -2.48 -14.74
C GLY A 11 -16.39 -1.58 -13.56
N GLN A 12 -16.07 -2.16 -12.42
CA GLN A 12 -15.92 -1.38 -11.19
C GLN A 12 -14.86 -0.24 -11.26
N LEU A 13 -13.77 -0.46 -11.99
CA LEU A 13 -12.69 0.53 -12.09
C LEU A 13 -12.54 1.08 -13.52
N LYS A 14 -13.61 0.95 -14.31
CA LYS A 14 -13.67 1.50 -15.65
C LYS A 14 -13.20 2.94 -15.68
N GLY A 15 -12.23 3.24 -16.53
CA GLY A 15 -11.84 4.64 -16.71
C GLY A 15 -10.85 5.12 -15.66
N LYS A 16 -10.48 4.27 -14.73
CA LYS A 16 -9.66 4.74 -13.59
C LYS A 16 -8.21 4.51 -13.91
N ILE A 17 -7.37 5.43 -13.44
CA ILE A 17 -5.92 5.34 -13.51
C ILE A 17 -5.39 5.11 -12.09
N ALA A 18 -4.58 4.07 -11.91
CA ALA A 18 -4.03 3.73 -10.59
C ALA A 18 -2.53 3.56 -10.59
N VAL A 19 -1.92 3.99 -9.50
CA VAL A 19 -0.54 3.64 -9.14
C VAL A 19 -0.67 2.60 -8.04
N ILE A 20 0.05 1.49 -8.19
CA ILE A 20 0.12 0.43 -7.18
C ILE A 20 1.57 0.06 -7.00
N THR A 21 2.09 0.20 -5.78
CA THR A 21 3.48 -0.12 -5.50
C THR A 21 3.59 -1.61 -5.12
N GLY A 22 4.80 -2.13 -5.10
CA GLY A 22 5.08 -3.50 -4.68
C GLY A 22 4.45 -4.46 -5.68
N SER A 23 4.50 -4.06 -6.94
CA SER A 23 3.66 -4.64 -7.97
C SER A 23 4.35 -5.51 -9.00
N THR A 24 5.60 -5.89 -8.74
CA THR A 24 6.28 -6.86 -9.62
C THR A 24 5.99 -8.31 -9.21
N GLN A 25 5.30 -8.46 -8.09
CA GLN A 25 4.96 -9.77 -7.56
C GLN A 25 4.05 -9.57 -6.34
N GLY A 26 3.59 -10.68 -5.78
CA GLY A 26 2.94 -10.66 -4.47
C GLY A 26 1.66 -9.84 -4.48
N LEU A 27 1.41 -9.16 -3.38
CA LEU A 27 0.13 -8.47 -3.22
C LEU A 27 -0.08 -7.34 -4.23
N GLY A 28 0.96 -6.57 -4.51
CA GLY A 28 0.80 -5.45 -5.43
C GLY A 28 0.44 -5.97 -6.83
N ALA A 29 1.02 -7.09 -7.23
CA ALA A 29 0.74 -7.65 -8.58
C ALA A 29 -0.66 -8.21 -8.64
N ALA A 30 -1.05 -8.92 -7.58
CA ALA A 30 -2.41 -9.42 -7.47
C ALA A 30 -3.44 -8.28 -7.56
N THR A 31 -3.14 -7.20 -6.85
CA THR A 31 -3.99 -6.01 -6.87
C THR A 31 -4.07 -5.42 -8.30
N ALA A 32 -2.92 -5.29 -8.97
CA ALA A 32 -2.89 -4.70 -10.30
C ALA A 32 -3.70 -5.59 -11.28
N ARG A 33 -3.49 -6.90 -11.22
CA ARG A 33 -4.26 -7.86 -12.01
C ARG A 33 -5.76 -7.72 -11.78
N LEU A 34 -6.19 -7.66 -10.53
CA LEU A 34 -7.61 -7.50 -10.24
C LEU A 34 -8.15 -6.16 -10.82
N PHE A 35 -7.37 -5.10 -10.66
CA PHE A 35 -7.77 -3.78 -11.14
C PHE A 35 -7.99 -3.83 -12.66
N ALA A 36 -7.07 -4.47 -13.38
CA ALA A 36 -7.22 -4.65 -14.84
C ALA A 36 -8.45 -5.49 -15.18
N GLU A 37 -8.62 -6.60 -14.45
CA GLU A 37 -9.80 -7.47 -14.62
C GLU A 37 -11.10 -6.68 -14.42
N ARG A 38 -11.06 -5.68 -13.55
CA ARG A 38 -12.24 -4.85 -13.31
C ARG A 38 -12.28 -3.56 -14.10
N GLY A 39 -11.49 -3.48 -15.18
CA GLY A 39 -11.65 -2.43 -16.18
C GLY A 39 -10.79 -1.22 -16.00
N ALA A 40 -9.76 -1.31 -15.16
CA ALA A 40 -8.91 -0.13 -15.02
C ALA A 40 -8.39 0.26 -16.39
N GLN A 41 -8.47 1.56 -16.68
CA GLN A 41 -7.90 2.11 -17.89
C GLN A 41 -6.37 2.07 -17.92
N GLY A 42 -5.71 2.47 -16.84
CA GLY A 42 -4.27 2.61 -16.86
C GLY A 42 -3.71 2.31 -15.50
N LEU A 43 -2.61 1.59 -15.47
CA LEU A 43 -1.97 1.15 -14.26
C LEU A 43 -0.51 1.49 -14.34
N VAL A 44 0.04 2.04 -13.26
CA VAL A 44 1.46 2.25 -13.14
C VAL A 44 1.88 1.31 -12.07
N ILE A 45 2.79 0.42 -12.45
CA ILE A 45 3.36 -0.54 -11.53
C ILE A 45 4.86 -0.31 -11.37
N CYS A 46 5.44 -0.88 -10.33
CA CYS A 46 6.82 -0.53 -10.01
C CYS A 46 7.50 -1.50 -9.06
N GLY A 47 8.82 -1.46 -9.08
CA GLY A 47 9.65 -2.37 -8.33
C GLY A 47 11.09 -2.38 -8.79
N ARG A 48 11.86 -3.30 -8.23
CA ARG A 48 13.28 -3.36 -8.48
C ARG A 48 13.62 -4.14 -9.75
N SER A 49 12.93 -5.25 -10.00
CA SER A 49 13.30 -6.11 -11.11
C SER A 49 12.73 -5.60 -12.44
N ALA A 50 13.61 -5.22 -13.35
CA ALA A 50 13.18 -4.89 -14.70
C ALA A 50 12.41 -6.03 -15.39
N GLU A 51 12.89 -7.26 -15.25
CA GLU A 51 12.33 -8.39 -15.98
C GLU A 51 10.94 -8.71 -15.47
N LYS A 52 10.77 -8.86 -14.17
CA LYS A 52 9.46 -9.10 -13.60
C LYS A 52 8.51 -7.96 -13.94
N GLY A 53 9.03 -6.73 -13.91
CA GLY A 53 8.22 -5.56 -14.22
C GLY A 53 7.68 -5.60 -15.64
N ARG A 54 8.59 -5.83 -16.59
CA ARG A 54 8.22 -5.98 -18.01
C ARG A 54 7.21 -7.10 -18.17
N ALA A 55 7.45 -8.25 -17.54
CA ALA A 55 6.52 -9.39 -17.61
C ALA A 55 5.14 -9.03 -17.06
N GLN A 56 5.09 -8.41 -15.89
CA GLN A 56 3.78 -7.98 -15.36
C GLN A 56 3.05 -6.99 -16.26
N ALA A 57 3.79 -6.03 -16.80
CA ALA A 57 3.14 -5.01 -17.64
C ALA A 57 2.47 -5.68 -18.84
N ALA A 58 3.18 -6.59 -19.50
CA ALA A 58 2.63 -7.29 -20.70
C ALA A 58 1.40 -8.11 -20.28
N GLY A 59 1.49 -8.77 -19.13
CA GLY A 59 0.33 -9.44 -18.55
C GLY A 59 -0.85 -8.52 -18.29
N LEU A 60 -0.60 -7.32 -17.79
CA LEU A 60 -1.70 -6.38 -17.54
C LEU A 60 -2.36 -5.90 -18.86
N GLU A 61 -1.53 -5.66 -19.86
CA GLU A 61 -2.04 -5.28 -21.18
C GLU A 61 -2.95 -6.36 -21.74
N GLU A 62 -2.61 -7.64 -21.58
CA GLU A 62 -3.45 -8.71 -22.12
C GLU A 62 -4.79 -8.76 -21.37
N LEU A 63 -4.86 -8.24 -20.13
CA LEU A 63 -6.13 -8.15 -19.39
C LEU A 63 -6.92 -6.91 -19.76
N GLY A 64 -6.33 -6.00 -20.52
CA GLY A 64 -7.04 -4.81 -20.97
C GLY A 64 -6.62 -3.46 -20.47
N ALA A 65 -5.62 -3.39 -19.59
CA ALA A 65 -5.15 -2.11 -19.04
C ALA A 65 -3.89 -1.65 -19.77
N LYS A 66 -3.77 -0.36 -20.06
CA LYS A 66 -2.45 0.18 -20.45
C LYS A 66 -1.61 0.18 -19.19
N ALA A 67 -0.37 -0.27 -19.28
CA ALA A 67 0.43 -0.47 -18.09
C ALA A 67 1.76 0.18 -18.36
N VAL A 68 2.27 0.86 -17.36
CA VAL A 68 3.57 1.48 -17.39
C VAL A 68 4.32 0.88 -16.23
N PHE A 69 5.53 0.42 -16.46
CA PHE A 69 6.38 -0.07 -15.36
C PHE A 69 7.50 0.91 -15.04
N VAL A 70 7.70 1.19 -13.73
CA VAL A 70 8.76 2.11 -13.32
C VAL A 70 9.75 1.36 -12.43
N GLN A 71 11.01 1.30 -12.83
CA GLN A 71 12.01 0.61 -12.04
C GLN A 71 12.44 1.57 -10.90
N VAL A 72 12.25 1.16 -9.66
CA VAL A 72 12.54 2.04 -8.54
C VAL A 72 13.24 1.38 -7.36
N ASP A 73 13.84 2.22 -6.53
CA ASP A 73 14.22 1.87 -5.17
C ASP A 73 13.38 2.81 -4.28
N LEU A 74 12.38 2.26 -3.60
CA LEU A 74 11.47 3.12 -2.84
C LEU A 74 12.14 3.83 -1.65
N GLU A 75 13.36 3.43 -1.33
CA GLU A 75 14.14 4.18 -0.27
C GLU A 75 14.56 5.54 -0.76
N ASN A 76 14.54 5.70 -2.08
CA ASN A 76 14.92 6.96 -2.69
C ASN A 76 13.66 7.79 -2.96
N VAL A 77 13.53 8.90 -2.26
CA VAL A 77 12.35 9.75 -2.37
C VAL A 77 12.12 10.26 -3.83
N GLU A 78 13.18 10.50 -4.59
CA GLU A 78 13.03 10.95 -5.98
C GLU A 78 12.40 9.86 -6.86
N ASP A 79 12.68 8.59 -6.56
CA ASP A 79 12.07 7.45 -7.23
C ASP A 79 10.57 7.42 -6.91
N CYS A 80 10.24 7.68 -5.65
CA CYS A 80 8.85 7.79 -5.24
C CYS A 80 8.12 8.85 -6.04
N ARG A 81 8.72 10.01 -6.14
CA ARG A 81 8.14 11.08 -6.93
C ARG A 81 7.99 10.71 -8.42
N ARG A 82 8.99 10.02 -8.97
CA ARG A 82 8.94 9.63 -10.39
CA ARG A 82 8.99 9.58 -10.38
C ARG A 82 7.80 8.69 -10.71
N ILE A 83 7.40 7.83 -9.76
CA ILE A 83 6.30 6.93 -9.99
C ILE A 83 5.02 7.66 -10.35
N VAL A 84 4.71 8.63 -9.52
CA VAL A 84 3.51 9.41 -9.70
C VAL A 84 3.65 10.33 -10.92
N ALA A 85 4.85 10.90 -11.12
CA ALA A 85 5.13 11.63 -12.37
C ALA A 85 4.85 10.81 -13.63
N GLU A 86 5.11 9.51 -13.56
CA GLU A 86 4.92 8.64 -14.71
C GLU A 86 3.44 8.39 -15.01
N ALA A 87 2.60 8.41 -13.98
CA ALA A 87 1.15 8.33 -14.21
C ALA A 87 0.62 9.52 -14.95
N ASP A 88 1.10 10.69 -14.53
CA ASP A 88 0.82 11.95 -15.22
C ASP A 88 1.38 11.98 -16.66
N ARG A 89 2.63 11.57 -16.81
CA ARG A 89 3.27 11.50 -18.13
C ARG A 89 2.43 10.62 -19.10
N ALA A 90 2.10 9.41 -18.67
CA ALA A 90 1.39 8.43 -19.49
C ALA A 90 -0.09 8.68 -19.67
N PHE A 91 -0.75 9.12 -18.59
CA PHE A 91 -2.22 9.17 -18.57
C PHE A 91 -2.82 10.54 -18.36
N GLY A 92 -2.00 11.48 -17.88
CA GLY A 92 -2.44 12.90 -17.68
C GLY A 92 -3.26 13.15 -16.43
N ARG A 93 -3.47 12.10 -15.65
CA ARG A 93 -4.27 12.19 -14.42
CA ARG A 93 -4.30 12.17 -14.42
C ARG A 93 -4.00 10.96 -13.53
N LEU A 94 -4.52 11.02 -12.31
CA LEU A 94 -4.45 9.91 -11.36
C LEU A 94 -5.78 9.80 -10.62
N ASP A 95 -6.23 8.57 -10.38
CA ASP A 95 -7.49 8.35 -9.62
C ASP A 95 -7.28 7.63 -8.30
N ILE A 96 -6.35 6.68 -8.28
CA ILE A 96 -6.15 5.78 -7.15
C ILE A 96 -4.67 5.62 -6.87
N LEU A 97 -4.24 5.67 -5.60
CA LEU A 97 -2.93 5.20 -5.14
C LEU A 97 -3.07 4.04 -4.15
N VAL A 98 -2.36 2.96 -4.38
CA VAL A 98 -2.32 1.81 -3.48
C VAL A 98 -0.90 1.64 -3.07
N ASN A 99 -0.62 1.91 -1.79
CA ASN A 99 0.67 1.69 -1.21
C ASN A 99 0.77 0.23 -0.70
N ALA A 100 1.17 -0.69 -1.57
CA ALA A 100 1.26 -2.11 -1.21
C ALA A 100 2.66 -2.61 -1.06
N ALA A 101 3.65 -1.82 -1.39
CA ALA A 101 5.02 -2.23 -1.16
C ALA A 101 5.26 -2.26 0.36
N GLY A 102 6.17 -3.10 0.83
CA GLY A 102 6.61 -3.03 2.20
C GLY A 102 7.83 -3.89 2.38
N LEU A 103 8.60 -3.59 3.41
CA LEU A 103 9.69 -4.42 3.78
C LEU A 103 9.34 -5.07 5.10
N THR A 104 9.82 -6.29 5.29
CA THR A 104 9.57 -7.00 6.53
C THR A 104 10.87 -7.47 7.25
N ASP A 105 11.97 -6.76 7.06
CA ASP A 105 13.21 -7.01 7.79
C ASP A 105 12.96 -7.12 9.31
N ARG A 106 13.63 -8.09 9.90
CA ARG A 106 13.48 -8.46 11.30
C ARG A 106 14.57 -7.89 12.19
N GLY A 107 14.27 -7.79 13.47
CA GLY A 107 15.22 -7.37 14.44
C GLY A 107 14.53 -7.09 15.75
N THR A 108 15.23 -7.35 16.84
CA THR A 108 14.72 -6.99 18.16
C THR A 108 15.18 -5.58 18.57
N ILE A 109 14.60 -5.10 19.68
CA ILE A 109 14.99 -3.82 20.24
C ILE A 109 16.48 -3.83 20.58
N LEU A 110 17.05 -5.01 20.83
CA LEU A 110 18.45 -5.08 21.27
C LEU A 110 19.45 -5.06 20.13
N ASP A 111 19.12 -5.68 18.99
CA ASP A 111 20.15 -5.91 17.98
CA ASP A 111 20.10 -5.98 17.93
C ASP A 111 19.90 -5.24 16.60
N THR A 112 18.76 -4.58 16.42
CA THR A 112 18.46 -3.84 15.18
C THR A 112 19.48 -2.74 14.91
N SER A 113 20.04 -2.76 13.71
CA SER A 113 20.99 -1.74 13.26
C SER A 113 20.28 -0.46 12.88
N PRO A 114 20.97 0.66 12.91
CA PRO A 114 20.33 1.89 12.33
C PRO A 114 20.00 1.77 10.84
N GLU A 115 20.82 1.05 10.09
CA GLU A 115 20.57 0.86 8.65
C GLU A 115 19.25 0.11 8.41
N LEU A 116 19.03 -0.95 9.19
CA LEU A 116 17.81 -1.74 9.10
C LEU A 116 16.61 -0.91 9.54
N PHE A 117 16.71 -0.22 10.68
CA PHE A 117 15.68 0.72 11.13
C PHE A 117 15.31 1.73 10.04
N ASP A 118 16.32 2.32 9.41
CA ASP A 118 16.10 3.36 8.41
C ASP A 118 15.45 2.79 7.12
N ARG A 119 15.86 1.59 6.70
CA ARG A 119 15.24 0.95 5.48
C ARG A 119 13.74 0.70 5.74
N LEU A 120 13.43 0.13 6.88
CA LEU A 120 12.04 -0.12 7.24
C LEU A 120 11.20 1.16 7.19
N PHE A 121 11.65 2.20 7.88
CA PHE A 121 10.90 3.49 7.84
C PHE A 121 10.88 4.11 6.45
N ALA A 122 11.98 3.97 5.70
CA ALA A 122 12.06 4.52 4.39
C ALA A 122 11.00 3.89 3.45
N VAL A 123 10.84 2.58 3.50
CA VAL A 123 9.94 1.90 2.55
C VAL A 123 8.52 1.87 3.13
N ASN A 124 8.39 1.66 4.44
CA ASN A 124 7.05 1.42 5.02
C ASN A 124 6.28 2.71 5.40
N THR A 125 7.00 3.81 5.53
CA THR A 125 6.42 5.04 6.07
C THR A 125 6.74 6.22 5.19
N ARG A 126 8.03 6.46 4.90
CA ARG A 126 8.45 7.62 4.10
C ARG A 126 7.95 7.50 2.62
N ALA A 127 8.11 6.33 2.04
CA ALA A 127 7.65 6.14 0.65
C ALA A 127 6.15 6.43 0.55
N PRO A 128 5.31 5.82 1.40
CA PRO A 128 3.90 6.27 1.35
C PRO A 128 3.71 7.74 1.55
N PHE A 129 4.39 8.36 2.52
CA PHE A 129 4.26 9.78 2.68
C PHE A 129 4.45 10.57 1.37
N PHE A 130 5.55 10.34 0.67
CA PHE A 130 5.88 11.13 -0.48
C PHE A 130 5.08 10.69 -1.74
N LEU A 131 4.68 9.44 -1.80
CA LEU A 131 3.73 9.01 -2.88
C LEU A 131 2.37 9.67 -2.68
N ILE A 132 1.95 9.75 -1.41
CA ILE A 132 0.70 10.39 -1.06
C ILE A 132 0.78 11.89 -1.40
N GLN A 133 1.87 12.53 -0.97
CA GLN A 133 2.11 13.95 -1.31
C GLN A 133 1.89 14.19 -2.81
N GLU A 134 2.59 13.41 -3.63
CA GLU A 134 2.49 13.62 -5.07
C GLU A 134 1.11 13.29 -5.62
N ALA A 135 0.47 12.23 -5.12
CA ALA A 135 -0.87 11.86 -5.63
C ALA A 135 -1.88 12.97 -5.30
N ILE A 136 -1.81 13.52 -4.11
CA ILE A 136 -2.75 14.55 -3.73
C ILE A 136 -2.53 15.83 -4.54
N LYS A 137 -1.30 16.12 -4.96
CA LYS A 137 -1.08 17.27 -5.81
C LYS A 137 -1.84 17.05 -7.18
N LEU A 138 -1.79 15.86 -7.72
CA LEU A 138 -2.55 15.56 -8.98
C LEU A 138 -4.06 15.56 -8.74
N PHE A 139 -4.50 14.97 -7.62
CA PHE A 139 -5.92 14.95 -7.35
C PHE A 139 -6.47 16.38 -7.30
N ARG A 140 -5.76 17.26 -6.59
CA ARG A 140 -6.18 18.67 -6.51
C ARG A 140 -6.13 19.40 -7.85
N ARG A 141 -5.07 19.20 -8.62
CA ARG A 141 -4.89 19.88 -9.88
C ARG A 141 -6.10 19.59 -10.80
N ASP A 142 -6.56 18.33 -10.81
CA ASP A 142 -7.57 17.91 -11.78
C ASP A 142 -8.96 17.74 -11.10
N ARG A 143 -9.09 18.14 -9.84
CA ARG A 143 -10.40 18.11 -9.14
C ARG A 143 -10.91 16.71 -9.08
N VAL A 144 -10.03 15.78 -8.76
CA VAL A 144 -10.37 14.33 -8.69
C VAL A 144 -10.72 13.94 -7.26
N GLU A 145 -11.81 13.19 -7.09
CA GLU A 145 -12.13 12.61 -5.79
C GLU A 145 -11.28 11.36 -5.64
N GLY A 146 -9.99 11.57 -5.38
CA GLY A 146 -9.02 10.48 -5.34
C GLY A 146 -9.27 9.49 -4.22
N ALA A 147 -8.70 8.31 -4.36
CA ALA A 147 -8.78 7.28 -3.32
C ALA A 147 -7.39 6.71 -3.15
N ILE A 148 -6.94 6.72 -1.90
CA ILE A 148 -5.67 6.14 -1.48
C ILE A 148 -5.93 4.95 -0.52
N VAL A 149 -5.20 3.87 -0.73
CA VAL A 149 -5.27 2.66 0.15
C VAL A 149 -3.86 2.36 0.62
N ASN A 150 -3.64 2.49 1.92
CA ASN A 150 -2.40 2.08 2.53
C ASN A 150 -2.46 0.64 3.03
N VAL A 151 -1.49 -0.17 2.68
CA VAL A 151 -1.46 -1.54 3.18
C VAL A 151 -0.53 -1.53 4.42
N SER A 152 -1.15 -1.61 5.59
CA SER A 152 -0.43 -1.61 6.84
C SER A 152 -0.52 -3.03 7.42
N SER A 153 -0.35 -3.18 8.73
CA SER A 153 -0.19 -4.50 9.32
C SER A 153 -1.01 -4.69 10.57
N MET A 154 -1.30 -5.95 10.91
CA MET A 154 -1.88 -6.28 12.23
C MET A 154 -0.90 -5.99 13.34
N SER A 155 0.38 -5.83 12.98
CA SER A 155 1.43 -5.49 13.92
C SER A 155 1.49 -4.01 14.34
N SER A 156 0.60 -3.18 13.77
CA SER A 156 0.76 -1.75 13.88
C SER A 156 0.39 -1.15 15.23
N MET A 157 -0.30 -1.92 16.09
N MET A 157 -0.29 -1.93 16.09
CA MET A 157 -0.60 -1.41 17.41
CA MET A 157 -0.61 -1.44 17.43
C MET A 157 0.57 -1.59 18.38
C MET A 157 0.57 -1.58 18.38
N GLY A 158 1.34 -2.67 18.24
CA GLY A 158 2.41 -2.97 19.16
C GLY A 158 3.20 -4.08 18.53
N GLY A 159 2.60 -5.26 18.43
CA GLY A 159 3.20 -6.35 17.68
C GLY A 159 4.26 -7.14 18.36
N GLN A 160 5.12 -7.75 17.54
CA GLN A 160 5.97 -8.86 17.99
C GLN A 160 7.45 -8.49 18.22
N PRO A 161 8.11 -9.11 19.23
CA PRO A 161 9.46 -8.66 19.62
C PRO A 161 10.49 -8.87 18.53
N PHE A 162 10.22 -9.77 17.55
CA PHE A 162 11.22 -10.11 16.56
C PHE A 162 11.22 -9.13 15.39
N ILE A 163 10.26 -8.20 15.41
CA ILE A 163 10.12 -7.19 14.39
C ILE A 163 9.83 -5.79 14.96
N ALA A 164 10.66 -5.32 15.92
CA ALA A 164 10.34 -4.10 16.61
C ALA A 164 10.22 -2.90 15.72
N ALA A 165 11.23 -2.63 14.89
CA ALA A 165 11.22 -1.42 14.09
C ALA A 165 10.12 -1.49 13.01
N TYR A 166 9.92 -2.69 12.49
CA TYR A 166 8.85 -2.94 11.48
C TYR A 166 7.51 -2.53 12.05
N CYS A 167 7.23 -2.95 13.30
CA CYS A 167 5.92 -2.67 13.90
C CYS A 167 5.76 -1.16 14.04
N ALA A 168 6.78 -0.48 14.59
CA ALA A 168 6.74 1.01 14.68
C ALA A 168 6.52 1.71 13.34
N SER A 169 7.15 1.24 12.26
CA SER A 169 6.96 1.84 10.93
C SER A 169 5.51 1.77 10.45
N LYS A 170 4.83 0.66 10.77
CA LYS A 170 3.39 0.46 10.49
C LYS A 170 2.47 1.29 11.39
N GLY A 171 2.85 1.50 12.66
CA GLY A 171 2.09 2.40 13.47
C GLY A 171 2.16 3.81 12.99
N ALA A 172 3.32 4.21 12.49
CA ALA A 172 3.43 5.52 11.91
C ALA A 172 2.49 5.65 10.69
N LEU A 173 2.41 4.59 9.90
CA LEU A 173 1.54 4.61 8.74
C LEU A 173 0.05 4.78 9.08
N ASP A 174 -0.42 4.07 10.10
CA ASP A 174 -1.80 4.22 10.57
C ASP A 174 -2.06 5.65 11.00
N THR A 175 -1.17 6.22 11.83
CA THR A 175 -1.33 7.61 12.16
C THR A 175 -1.39 8.57 10.96
N LEU A 176 -0.47 8.35 10.04
CA LEU A 176 -0.50 9.07 8.75
C LEU A 176 -1.80 8.92 7.92
N THR A 177 -2.34 7.71 7.90
CA THR A 177 -3.60 7.45 7.22
C THR A 177 -4.65 8.37 7.83
N ARG A 178 -4.71 8.45 9.15
CA ARG A 178 -5.76 9.26 9.77
C ARG A 178 -5.49 10.73 9.57
N ASN A 179 -4.23 11.13 9.71
CA ASN A 179 -3.87 12.56 9.54
C ASN A 179 -4.20 13.05 8.15
N VAL A 180 -3.78 12.29 7.17
CA VAL A 180 -4.01 12.69 5.77
C VAL A 180 -5.51 12.67 5.49
N ALA A 181 -6.21 11.60 5.85
CA ALA A 181 -7.66 11.54 5.63
C ALA A 181 -8.34 12.78 6.16
N TYR A 182 -8.02 13.16 7.40
CA TYR A 182 -8.62 14.35 8.02
C TYR A 182 -8.32 15.60 7.19
N SER A 183 -7.05 15.76 6.82
CA SER A 183 -6.63 16.99 6.15
C SER A 183 -7.33 17.23 4.81
N VAL A 184 -7.64 16.16 4.11
CA VAL A 184 -8.33 16.28 2.79
C VAL A 184 -9.80 15.88 2.74
N LEU A 185 -10.42 15.93 3.89
CA LEU A 185 -11.86 15.64 4.02
C LEU A 185 -12.71 16.45 3.06
N ARG A 186 -12.51 17.79 3.00
CA ARG A 186 -13.33 18.61 2.13
C ARG A 186 -12.96 18.50 0.66
N ASN A 187 -11.77 17.96 0.34
CA ASN A 187 -11.42 17.63 -1.03
C ASN A 187 -12.13 16.39 -1.56
N ARG A 188 -12.74 15.60 -0.67
CA ARG A 188 -13.33 14.33 -1.05
C ARG A 188 -12.27 13.38 -1.60
N ILE A 189 -11.06 13.53 -1.06
CA ILE A 189 -9.99 12.58 -1.29
C ILE A 189 -10.00 11.63 -0.12
N ARG A 190 -10.11 10.32 -0.40
CA ARG A 190 -10.36 9.35 0.67
C ARG A 190 -9.08 8.57 0.87
N VAL A 191 -8.71 8.38 2.13
CA VAL A 191 -7.49 7.66 2.51
C VAL A 191 -7.81 6.63 3.61
N ASN A 192 -7.63 5.37 3.30
CA ASN A 192 -7.99 4.29 4.19
C ASN A 192 -6.87 3.30 4.27
N SER A 193 -6.88 2.54 5.37
CA SER A 193 -5.86 1.54 5.60
C SER A 193 -6.43 0.14 5.70
N LEU A 194 -5.70 -0.82 5.15
CA LEU A 194 -6.03 -2.21 5.28
C LEU A 194 -4.89 -2.86 6.03
N ASN A 195 -5.19 -3.40 7.22
CA ASN A 195 -4.13 -3.84 8.12
C ASN A 195 -4.08 -5.36 8.09
N ILE A 196 -3.11 -5.87 7.36
CA ILE A 196 -3.11 -7.29 7.00
C ILE A 196 -2.22 -8.14 7.88
N GLY A 197 -2.63 -9.40 7.96
CA GLY A 197 -1.81 -10.45 8.54
C GLY A 197 -0.68 -10.86 7.60
N TRP A 198 -0.10 -12.01 7.86
CA TRP A 198 1.05 -12.46 7.08
C TRP A 198 0.59 -13.07 5.75
N MET A 199 1.30 -12.77 4.68
CA MET A 199 0.88 -13.27 3.38
C MET A 199 1.66 -14.42 2.80
N ALA A 200 0.93 -15.19 1.98
CA ALA A 200 1.49 -16.22 1.14
C ALA A 200 2.45 -15.57 0.14
N PHE A 228 -5.15 -22.45 10.24
CA PHE A 228 -6.55 -22.31 9.89
C PHE A 228 -6.80 -20.97 9.21
N GLY A 229 -6.04 -19.91 9.52
CA GLY A 229 -4.70 -19.95 10.16
C GLY A 229 -3.63 -19.81 9.08
N ARG A 230 -4.04 -20.10 7.83
CA ARG A 230 -3.20 -20.05 6.64
C ARG A 230 -2.61 -18.67 6.44
N LEU A 231 -1.55 -18.60 5.65
CA LEU A 231 -1.08 -17.32 5.21
C LEU A 231 -2.20 -16.70 4.34
N LEU A 232 -2.29 -15.39 4.26
CA LEU A 232 -3.42 -14.77 3.53
C LEU A 232 -3.19 -14.90 2.03
N ASP A 233 -4.30 -15.04 1.31
CA ASP A 233 -4.28 -15.15 -0.14
C ASP A 233 -4.31 -13.72 -0.76
N PRO A 234 -3.24 -13.32 -1.49
CA PRO A 234 -3.21 -11.96 -2.03
C PRO A 234 -4.40 -11.62 -2.95
N ALA A 235 -4.96 -12.63 -3.64
CA ALA A 235 -6.10 -12.38 -4.53
C ALA A 235 -7.31 -11.95 -3.69
N LYS A 236 -7.46 -12.50 -2.49
CA LYS A 236 -8.59 -12.09 -1.63
C LYS A 236 -8.31 -10.75 -0.96
N VAL A 237 -7.07 -10.54 -0.53
CA VAL A 237 -6.68 -9.23 -0.02
C VAL A 237 -6.93 -8.14 -1.07
N ALA A 238 -6.59 -8.42 -2.33
CA ALA A 238 -6.84 -7.45 -3.41
C ALA A 238 -8.29 -7.01 -3.49
N ARG A 239 -9.21 -7.91 -3.19
CA ARG A 239 -10.64 -7.62 -3.22
C ARG A 239 -11.02 -6.56 -2.20
N ALA A 240 -10.43 -6.63 -1.02
CA ALA A 240 -10.67 -5.63 0.02
C ALA A 240 -10.09 -4.29 -0.38
N ILE A 241 -8.92 -4.32 -1.00
CA ILE A 241 -8.32 -3.12 -1.53
C ILE A 241 -9.21 -2.48 -2.58
N ALA A 242 -9.66 -3.27 -3.55
CA ALA A 242 -10.58 -2.75 -4.54
C ALA A 242 -11.82 -2.07 -3.96
N PHE A 243 -12.41 -2.68 -2.91
CA PHE A 243 -13.54 -2.07 -2.24
C PHE A 243 -13.19 -0.66 -1.80
N LEU A 244 -12.05 -0.54 -1.09
CA LEU A 244 -11.63 0.72 -0.52
C LEU A 244 -11.20 1.73 -1.57
N ALA A 245 -10.77 1.24 -2.74
CA ALA A 245 -10.33 2.11 -3.83
C ALA A 245 -11.44 2.56 -4.72
N SER A 246 -12.63 1.99 -4.56
CA SER A 246 -13.76 2.16 -5.48
CA SER A 246 -13.74 2.20 -5.48
C SER A 246 -14.92 2.88 -4.82
N GLU A 247 -15.91 3.26 -5.64
CA GLU A 247 -17.14 3.94 -5.21
C GLU A 247 -17.96 3.11 -4.27
N GLU A 248 -17.73 1.81 -4.23
CA GLU A 248 -18.51 0.93 -3.43
C GLU A 248 -18.35 1.25 -1.93
N SER A 249 -17.19 1.79 -1.53
CA SER A 249 -16.98 2.19 -0.12
C SER A 249 -17.43 3.61 0.21
N GLY A 250 -18.04 4.26 -0.77
CA GLY A 250 -18.72 5.53 -0.61
C GLY A 250 -17.77 6.60 -0.09
N LEU A 251 -18.21 7.27 0.98
CA LEU A 251 -17.41 8.36 1.56
C LEU A 251 -16.34 7.92 2.58
N MET A 252 -16.27 6.61 2.86
CA MET A 252 -15.33 6.11 3.83
C MET A 252 -13.93 6.67 3.67
N THR A 253 -13.37 7.19 4.80
CA THR A 253 -12.03 7.72 4.81
C THR A 253 -11.50 7.75 6.25
N GLY A 254 -10.22 7.49 6.39
CA GLY A 254 -9.61 7.46 7.72
C GLY A 254 -9.82 6.14 8.45
N ALA A 255 -10.33 5.14 7.75
CA ALA A 255 -10.61 3.86 8.38
C ALA A 255 -9.35 3.07 8.48
N ILE A 256 -9.24 2.33 9.59
CA ILE A 256 -8.16 1.36 9.83
C ILE A 256 -8.87 0.02 9.87
N VAL A 257 -8.79 -0.75 8.77
CA VAL A 257 -9.57 -1.95 8.60
C VAL A 257 -8.66 -3.18 8.79
N ASN A 258 -8.87 -3.86 9.88
CA ASN A 258 -8.09 -5.06 10.20
C ASN A 258 -8.51 -6.21 9.31
N PHE A 259 -7.53 -6.90 8.75
CA PHE A 259 -7.79 -7.97 7.82
C PHE A 259 -6.91 -9.14 8.16
N ASP A 260 -7.43 -10.07 8.94
CA ASP A 260 -6.61 -11.19 9.46
C ASP A 260 -7.51 -12.10 10.28
N GLN A 261 -7.06 -13.34 10.49
CA GLN A 261 -7.70 -14.24 11.43
C GLN A 261 -7.13 -14.06 12.89
N SER A 262 -7.20 -12.84 13.33
CA SER A 262 -6.84 -12.44 14.69
C SER A 262 -7.55 -11.11 14.94
N VAL A 263 -7.58 -10.68 16.20
CA VAL A 263 -8.44 -9.59 16.62
C VAL A 263 -7.69 -8.83 17.72
N TRP A 264 -7.37 -7.56 17.48
CA TRP A 264 -6.68 -6.78 18.49
C TRP A 264 -7.42 -6.77 19.82
N GLY A 265 -6.67 -6.98 20.90
CA GLY A 265 -7.18 -6.94 22.24
C GLY A 265 -8.05 -8.12 22.65
N ALA A 266 -8.07 -9.20 21.85
CA ALA A 266 -8.84 -10.36 22.13
C ALA A 266 -7.90 -11.57 22.12
N TYR A 267 -8.21 -12.54 22.99
CA TYR A 267 -7.30 -13.66 23.29
C TYR A 267 -7.95 -14.56 24.29
N ASP A 268 -7.42 -15.78 24.50
CA ASP A 268 -7.95 -16.62 25.54
C ASP A 268 -7.34 -16.33 26.93
N GLY A 269 -6.07 -15.96 26.93
CA GLY A 269 -5.29 -15.57 28.10
C GLY A 269 -4.36 -14.48 27.59
N SER A 270 -4.02 -13.51 28.42
CA SER A 270 -3.29 -12.37 27.87
C SER A 270 -1.92 -12.85 27.43
N PRO A 271 -1.47 -12.36 26.26
CA PRO A 271 -0.20 -12.86 25.76
C PRO A 271 0.97 -12.36 26.60
N HIS A 272 1.96 -13.23 26.77
CA HIS A 272 3.24 -12.74 27.24
C HIS A 272 4.37 -13.61 26.77
N PRO A 273 5.60 -13.08 26.80
CA PRO A 273 6.75 -13.85 26.38
C PRO A 273 6.95 -15.07 27.27
N GLU A 274 7.56 -16.09 26.71
CA GLU A 274 8.00 -17.24 27.50
C GLU A 274 9.18 -16.92 28.40
N LYS A 275 10.09 -16.05 27.92
CA LYS A 275 11.33 -15.76 28.63
C LYS A 275 11.63 -14.28 28.63
N PRO A 276 12.45 -13.83 29.60
CA PRO A 276 13.05 -12.52 29.49
C PRO A 276 13.77 -12.39 28.13
N LEU A 277 13.73 -11.18 27.57
CA LEU A 277 14.54 -10.84 26.41
C LEU A 277 16.02 -10.87 26.79
C1 EDO B . -3.40 1.49 15.52
O1 EDO B . -4.08 1.74 14.28
C2 EDO B . -1.97 2.05 15.54
O2 EDO B . -1.89 3.50 15.69
C1 EDO C . -14.19 18.47 -4.27
O1 EDO C . -14.36 19.87 -3.97
C2 EDO C . -14.18 18.15 -5.77
O2 EDO C . -12.84 18.27 -6.30
#